data_1RGZ
#
_entry.id   1RGZ
#
_cell.length_a   76.38
_cell.length_b   68.84
_cell.length_c   61.99
_cell.angle_alpha   90.00
_cell.angle_beta   90.00
_cell.angle_gamma   90.00
#
_symmetry.space_group_name_H-M   'P 21 21 2'
#
loop_
_entity.id
_entity.type
_entity.pdbx_description
1 polymer 'class C beta-lactamase'
2 non-polymer '{[(2E)-2-(2-AMINO-1,3-THIAZOL-4-YL)-2-(METHOXYIMINO)ETHANOYL]AMINO}METHYLPHOSPHONIC ACID'
3 non-polymer GLYCEROL
4 water water
#
_entity_poly.entity_id   1
_entity_poly.type   'polypeptide(L)'
_entity_poly.pdbx_seq_one_letter_code
;PVSEKQLAEVVANTVTPLMKAQSVPGMAVAVIYQGKPHYYTFGKADIAANKPVTPQTLFELGSISKTFTGVLGGDAIARG
EISLDDPVTRYWPQLTGKQWQGIRMLDLATYTAGGLPLQVPDEVTDNASLLRFYQNWQPQWKPGTTRLYANASIGLFGAL
AVKPSGMPYEQAMTTRVLKPLKLDHTWINVPKAEEAHYAWGYRDGKAVRAVRVSPGMLDAQAYGVKTNVQDMANWVMANM
APENVADASLKQGIALAQSRYWRIGSMYQGLGWEMLNWPVEANTVVEGSDSKVALAPLPVAEVNPPAPPVKASWVHKTGS
TGGFGSYVAFIPEKQIGIVMLANTSYPNPARVEAAYHILEALQ
;
_entity_poly.pdbx_strand_id   A
#
loop_
_chem_comp.id
_chem_comp.type
_chem_comp.name
_chem_comp.formula
GOL non-polymer GLYCEROL 'C3 H8 O3'
PTX non-polymer '{[(2E)-2-(2-AMINO-1,3-THIAZOL-4-YL)-2-(METHOXYIMINO)ETHANOYL]AMINO}METHYLPHOSPHONIC ACID' 'C7 H11 N4 O5 P S'
#
# COMPACT_ATOMS: atom_id res chain seq x y z
N PRO A 1 31.66 2.15 -3.69
CA PRO A 1 30.29 1.73 -3.94
C PRO A 1 30.20 0.22 -4.07
N VAL A 2 29.00 -0.24 -3.76
CA VAL A 2 28.83 -1.70 -3.77
C VAL A 2 28.60 -2.15 -5.20
N SER A 3 29.22 -3.25 -5.58
CA SER A 3 29.01 -3.85 -6.89
C SER A 3 27.73 -4.66 -6.99
N GLU A 4 27.33 -4.96 -8.23
CA GLU A 4 26.23 -5.90 -8.40
C GLU A 4 26.54 -7.24 -7.77
N LYS A 5 27.78 -7.69 -7.87
CA LYS A 5 28.16 -8.94 -7.21
C LYS A 5 27.93 -8.90 -5.70
N GLN A 6 28.39 -7.84 -5.07
CA GLN A 6 28.23 -7.68 -3.63
C GLN A 6 26.75 -7.57 -3.26
N LEU A 7 25.98 -6.83 -4.05
CA LEU A 7 24.55 -6.69 -3.77
C LEU A 7 23.86 -8.05 -3.81
N ALA A 8 24.19 -8.87 -4.80
CA ALA A 8 23.59 -10.20 -4.86
C ALA A 8 23.87 -11.04 -3.62
N GLU A 9 25.10 -10.91 -3.12
CA GLU A 9 25.49 -11.59 -1.90
C GLU A 9 24.69 -11.09 -0.68
N VAL A 10 24.63 -9.75 -0.54
CA VAL A 10 23.85 -9.18 0.54
C VAL A 10 22.41 -9.67 0.56
N VAL A 11 21.76 -9.64 -0.60
CA VAL A 11 20.36 -10.07 -0.68
C VAL A 11 20.28 -11.53 -0.32
N ALA A 12 21.13 -12.39 -0.89
CA ALA A 12 21.00 -13.81 -0.58
C ALA A 12 21.28 -14.10 0.89
N ASN A 13 22.28 -13.40 1.42
CA ASN A 13 22.72 -13.65 2.78
C ASN A 13 21.70 -13.20 3.82
N THR A 14 20.80 -12.32 3.39
CA THR A 14 19.72 -11.80 4.24
C THR A 14 18.47 -12.63 4.07
N VAL A 15 18.13 -12.90 2.81
CA VAL A 15 16.86 -13.55 2.50
C VAL A 15 16.86 -15.01 2.87
N THR A 16 17.98 -15.71 2.61
CA THR A 16 17.96 -17.15 2.87
C THR A 16 17.73 -17.46 4.33
N PRO A 17 18.42 -16.88 5.29
CA PRO A 17 18.09 -17.15 6.70
C PRO A 17 16.70 -16.65 7.08
N LEU A 18 16.23 -15.58 6.47
CA LEU A 18 14.88 -15.09 6.80
C LEU A 18 13.82 -16.13 6.42
N MET A 19 13.99 -16.66 5.19
CA MET A 19 12.96 -17.62 4.74
C MET A 19 12.96 -18.88 5.60
N LYS A 20 14.15 -19.33 6.03
CA LYS A 20 14.25 -20.48 6.89
C LYS A 20 13.61 -20.17 8.24
N ALA A 21 13.94 -19.04 8.85
CA ALA A 21 13.46 -18.69 10.17
C ALA A 21 11.95 -18.50 10.16
N GLN A 22 11.41 -17.96 9.09
CA GLN A 22 9.99 -17.63 9.07
C GLN A 22 9.16 -18.61 8.27
N SER A 23 9.80 -19.71 7.86
CA SER A 23 9.15 -20.76 7.12
C SER A 23 8.47 -20.20 5.86
N VAL A 24 9.18 -19.41 5.07
CA VAL A 24 8.60 -18.79 3.89
C VAL A 24 8.84 -19.63 2.65
N PRO A 25 7.82 -20.11 1.97
CA PRO A 25 8.10 -20.99 0.83
C PRO A 25 8.81 -20.30 -0.35
N GLY A 26 8.43 -19.07 -0.66
CA GLY A 26 8.96 -18.36 -1.82
C GLY A 26 8.97 -16.86 -1.63
N MET A 27 9.96 -16.23 -2.23
CA MET A 27 10.11 -14.77 -2.20
C MET A 27 10.65 -14.28 -3.53
N ALA A 28 10.09 -13.14 -3.92
CA ALA A 28 10.68 -12.37 -5.03
C ALA A 28 11.08 -11.02 -4.48
N VAL A 29 12.32 -10.68 -4.77
CA VAL A 29 12.90 -9.41 -4.35
C VAL A 29 13.43 -8.59 -5.51
N ALA A 30 13.15 -7.31 -5.49
CA ALA A 30 13.78 -6.34 -6.35
C ALA A 30 14.44 -5.26 -5.51
N VAL A 31 15.67 -4.96 -5.91
CA VAL A 31 16.39 -3.82 -5.34
C VAL A 31 16.58 -2.83 -6.46
N ILE A 32 16.23 -1.60 -6.17
CA ILE A 32 16.46 -0.50 -7.09
C ILE A 32 17.77 0.19 -6.69
N TYR A 33 18.72 0.23 -7.63
CA TYR A 33 20.07 0.71 -7.35
C TYR A 33 20.71 1.17 -8.65
N GLN A 34 21.34 2.32 -8.64
CA GLN A 34 22.01 2.84 -9.82
C GLN A 34 21.08 2.85 -11.03
N GLY A 35 19.81 3.22 -10.78
CA GLY A 35 18.90 3.54 -11.85
C GLY A 35 18.17 2.38 -12.50
N LYS A 36 18.32 1.18 -11.97
CA LYS A 36 17.64 0.03 -12.53
C LYS A 36 17.27 -0.95 -11.43
N PRO A 37 16.34 -1.81 -11.72
CA PRO A 37 16.00 -2.90 -10.82
C PRO A 37 16.94 -4.09 -10.97
N HIS A 38 17.16 -4.76 -9.85
CA HIS A 38 17.92 -5.99 -9.73
C HIS A 38 17.01 -7.05 -9.09
N TYR A 39 16.86 -8.21 -9.71
CA TYR A 39 15.85 -9.16 -9.32
C TYR A 39 16.45 -10.45 -8.78
N TYR A 40 15.86 -10.93 -7.71
CA TYR A 40 16.34 -12.10 -7.00
C TYR A 40 15.12 -12.95 -6.66
N THR A 41 15.09 -14.22 -7.00
CA THR A 41 13.97 -15.07 -6.72
C THR A 41 14.42 -16.29 -5.92
N PHE A 42 13.56 -16.72 -5.01
CA PHE A 42 13.87 -17.80 -4.10
C PHE A 42 12.67 -18.71 -3.86
N GLY A 43 12.94 -20.02 -3.81
CA GLY A 43 11.86 -20.90 -3.43
C GLY A 43 10.73 -21.11 -4.41
N LYS A 44 9.61 -21.49 -3.81
CA LYS A 44 8.47 -22.00 -4.52
C LYS A 44 7.24 -21.09 -4.44
N ALA A 45 6.63 -20.93 -5.61
CA ALA A 45 5.31 -20.28 -5.73
C ALA A 45 4.17 -21.23 -5.37
N ASP A 46 4.35 -22.52 -5.63
CA ASP A 46 3.36 -23.55 -5.43
C ASP A 46 4.11 -24.78 -4.95
N ILE A 47 3.97 -25.06 -3.67
CA ILE A 47 4.76 -26.21 -3.15
C ILE A 47 4.33 -27.50 -3.82
N ALA A 48 3.03 -27.77 -3.85
CA ALA A 48 2.63 -29.13 -4.26
C ALA A 48 2.94 -29.35 -5.72
N ALA A 49 2.85 -28.28 -6.50
CA ALA A 49 3.11 -28.39 -7.95
C ALA A 49 4.58 -28.19 -8.27
N ASN A 50 5.38 -27.91 -7.26
CA ASN A 50 6.80 -27.68 -7.36
C ASN A 50 7.13 -26.62 -8.42
N LYS A 51 6.40 -25.51 -8.36
CA LYS A 51 6.63 -24.37 -9.25
C LYS A 51 7.51 -23.33 -8.60
N PRO A 52 8.60 -22.95 -9.24
CA PRO A 52 9.47 -21.95 -8.60
C PRO A 52 8.92 -20.53 -8.70
N VAL A 53 9.31 -19.71 -7.74
CA VAL A 53 9.14 -18.27 -7.88
C VAL A 53 9.97 -17.77 -9.07
N THR A 54 9.36 -16.95 -9.92
CA THR A 54 10.06 -16.27 -11.00
C THR A 54 9.74 -14.80 -11.01
N PRO A 55 10.42 -13.99 -11.82
CA PRO A 55 10.00 -12.57 -11.88
C PRO A 55 8.62 -12.35 -12.44
N GLN A 56 7.93 -13.39 -12.93
CA GLN A 56 6.57 -13.30 -13.41
C GLN A 56 5.56 -13.75 -12.35
N THR A 57 5.99 -14.30 -11.22
CA THR A 57 5.05 -14.81 -10.23
C THR A 57 4.22 -13.71 -9.64
N LEU A 58 2.91 -13.87 -9.56
CA LEU A 58 2.02 -12.91 -8.95
C LEU A 58 1.83 -13.22 -7.46
N PHE A 59 1.94 -12.17 -6.68
CA PHE A 59 1.75 -12.14 -5.25
C PHE A 59 0.62 -11.19 -4.87
N GLU A 60 -0.07 -11.54 -3.78
CA GLU A 60 -1.06 -10.62 -3.22
C GLU A 60 -0.37 -9.54 -2.40
N LEU A 61 -0.61 -8.26 -2.70
CA LEU A 61 0.05 -7.18 -2.01
C LEU A 61 -0.56 -6.81 -0.65
N GLY A 62 -1.81 -7.23 -0.43
CA GLY A 62 -2.46 -6.76 0.79
C GLY A 62 -2.49 -5.26 0.82
N SER A 63 -2.26 -4.66 1.99
CA SER A 63 -2.34 -3.24 2.14
C SER A 63 -1.31 -2.40 1.40
N ILE A 64 -0.33 -2.96 0.71
CA ILE A 64 0.46 -2.12 -0.21
C ILE A 64 -0.44 -1.60 -1.33
N SER A 65 -1.60 -2.25 -1.54
CA SER A 65 -2.63 -1.76 -2.43
C SER A 65 -3.00 -0.30 -2.12
N LYS A 66 -2.94 0.07 -0.85
CA LYS A 66 -3.29 1.44 -0.45
C LYS A 66 -2.38 2.48 -1.08
N THR A 67 -1.15 2.10 -1.44
CA THR A 67 -0.29 3.08 -2.12
C THR A 67 -0.81 3.43 -3.52
N PHE A 68 -1.37 2.47 -4.21
CA PHE A 68 -2.03 2.68 -5.50
C PHE A 68 -3.26 3.56 -5.29
N THR A 69 -4.03 3.28 -4.24
CA THR A 69 -5.17 4.16 -3.95
C THR A 69 -4.77 5.60 -3.72
N GLY A 70 -3.71 5.75 -2.94
CA GLY A 70 -3.24 7.08 -2.60
C GLY A 70 -2.83 7.87 -3.84
N VAL A 71 -2.07 7.21 -4.72
CA VAL A 71 -1.63 7.85 -5.95
C VAL A 71 -2.83 8.13 -6.86
N LEU A 72 -3.79 7.20 -6.95
CA LEU A 72 -4.99 7.46 -7.74
C LEU A 72 -5.75 8.67 -7.23
N GLY A 73 -5.88 8.77 -5.90
CA GLY A 73 -6.57 9.91 -5.30
C GLY A 73 -5.76 11.16 -5.54
N GLY A 74 -4.43 11.07 -5.42
CA GLY A 74 -3.61 12.25 -5.76
C GLY A 74 -3.81 12.69 -7.19
N ASP A 75 -3.91 11.77 -8.12
CA ASP A 75 -4.15 12.08 -9.54
C ASP A 75 -5.49 12.81 -9.70
N ALA A 76 -6.52 12.37 -8.99
CA ALA A 76 -7.84 13.01 -9.04
C ALA A 76 -7.76 14.45 -8.52
N ILE A 77 -6.95 14.63 -7.45
CA ILE A 77 -6.76 16.00 -6.95
C ILE A 77 -6.08 16.84 -8.02
N ALA A 78 -5.03 16.32 -8.63
CA ALA A 78 -4.28 17.05 -9.65
C ALA A 78 -5.10 17.37 -10.88
N ARG A 79 -6.10 16.54 -11.16
CA ARG A 79 -7.04 16.80 -12.25
C ARG A 79 -8.08 17.87 -11.87
N GLY A 80 -8.25 18.16 -10.59
CA GLY A 80 -9.26 19.09 -10.13
C GLY A 80 -10.58 18.41 -9.82
N GLU A 81 -10.61 17.08 -9.81
CA GLU A 81 -11.87 16.38 -9.58
C GLU A 81 -12.27 16.36 -8.12
N ILE A 82 -11.30 16.36 -7.22
CA ILE A 82 -11.54 16.39 -5.79
C ILE A 82 -10.51 17.29 -5.16
N SER A 83 -10.83 17.62 -3.91
CA SER A 83 -9.95 18.35 -3.04
C SER A 83 -9.88 17.63 -1.70
N LEU A 84 -8.73 17.41 -1.10
CA LEU A 84 -8.67 16.82 0.22
C LEU A 84 -9.37 17.66 1.27
N ASP A 85 -9.53 18.96 1.02
CA ASP A 85 -10.22 19.79 1.98
C ASP A 85 -11.75 19.77 1.83
N ASP A 86 -12.28 19.11 0.82
CA ASP A 86 -13.71 18.97 0.66
C ASP A 86 -14.30 18.05 1.73
N PRO A 87 -15.55 18.29 2.11
CA PRO A 87 -16.20 17.40 3.03
C PRO A 87 -16.49 16.09 2.30
N VAL A 88 -16.46 15.00 3.08
CA VAL A 88 -16.83 13.67 2.58
C VAL A 88 -18.19 13.73 1.88
N THR A 89 -19.11 14.48 2.50
CA THR A 89 -20.48 14.55 2.02
C THR A 89 -20.60 15.17 0.62
N ARG A 90 -19.56 15.93 0.22
CA ARG A 90 -19.66 16.44 -1.15
C ARG A 90 -19.74 15.32 -2.19
N TYR A 91 -19.09 14.19 -1.92
CA TYR A 91 -18.98 13.04 -2.81
C TYR A 91 -19.98 11.95 -2.47
N TRP A 92 -20.74 12.08 -1.36
CA TRP A 92 -21.77 11.12 -0.95
C TRP A 92 -22.88 11.84 -0.19
N PRO A 93 -23.68 12.54 -0.97
CA PRO A 93 -24.73 13.36 -0.40
C PRO A 93 -25.74 12.56 0.41
N GLN A 94 -25.90 11.26 0.17
CA GLN A 94 -26.79 10.40 0.97
C GLN A 94 -26.29 10.16 2.39
N LEU A 95 -25.05 10.50 2.66
CA LEU A 95 -24.44 10.39 4.00
C LEU A 95 -24.84 11.62 4.79
N THR A 96 -26.06 11.58 5.34
CA THR A 96 -26.69 12.74 5.95
C THR A 96 -26.47 12.87 7.44
N GLY A 97 -25.89 11.88 8.08
CA GLY A 97 -25.67 11.93 9.52
C GLY A 97 -24.78 13.09 9.88
N LYS A 98 -25.16 13.87 10.91
CA LYS A 98 -24.44 15.08 11.22
C LYS A 98 -23.09 14.86 11.87
N GLN A 99 -22.82 13.65 12.30
CA GLN A 99 -21.49 13.37 12.82
C GLN A 99 -20.45 13.52 11.72
N TRP A 100 -20.82 13.53 10.45
CA TRP A 100 -19.89 13.67 9.36
C TRP A 100 -19.49 15.11 9.08
N GLN A 101 -20.18 16.07 9.67
CA GLN A 101 -19.81 17.45 9.40
C GLN A 101 -18.41 17.68 9.93
N GLY A 102 -17.56 18.36 9.16
CA GLY A 102 -16.19 18.60 9.59
C GLY A 102 -15.25 17.45 9.28
N ILE A 103 -15.72 16.35 8.73
CA ILE A 103 -14.85 15.27 8.27
C ILE A 103 -14.55 15.46 6.78
N ARG A 104 -13.26 15.61 6.48
CA ARG A 104 -12.79 15.91 5.14
C ARG A 104 -12.35 14.66 4.40
N MET A 105 -12.28 14.74 3.07
CA MET A 105 -11.65 13.66 2.31
C MET A 105 -10.26 13.36 2.85
N LEU A 106 -9.52 14.38 3.26
CA LEU A 106 -8.21 14.17 3.88
C LEU A 106 -8.28 13.21 5.05
N ASP A 107 -9.27 13.36 5.92
CA ASP A 107 -9.36 12.50 7.09
C ASP A 107 -9.63 11.07 6.69
N LEU A 108 -10.44 10.85 5.68
CA LEU A 108 -10.69 9.48 5.29
C LEU A 108 -9.40 8.90 4.72
N ALA A 109 -8.69 9.71 3.91
CA ALA A 109 -7.52 9.18 3.25
C ALA A 109 -6.42 8.82 4.22
N THR A 110 -6.34 9.49 5.37
CA THR A 110 -5.18 9.40 6.25
C THR A 110 -5.55 8.92 7.64
N TYR A 111 -6.72 8.33 7.81
CA TYR A 111 -7.14 7.58 9.00
C TYR A 111 -7.46 8.49 10.18
N THR A 112 -7.81 9.74 9.94
CA THR A 112 -8.06 10.71 11.03
C THR A 112 -9.51 11.14 11.17
N ALA A 113 -10.44 10.36 10.62
CA ALA A 113 -11.85 10.76 10.73
C ALA A 113 -12.41 10.74 12.13
N GLY A 114 -11.78 10.00 13.02
CA GLY A 114 -12.12 9.98 14.44
C GLY A 114 -12.59 8.62 14.92
N GLY A 115 -11.98 7.56 14.42
CA GLY A 115 -12.22 6.23 14.96
C GLY A 115 -12.89 5.29 14.03
N LEU A 116 -12.96 5.55 12.71
CA LEU A 116 -13.45 4.52 11.81
C LEU A 116 -12.63 3.26 12.06
N PRO A 117 -13.32 2.16 12.17
CA PRO A 117 -12.62 0.92 12.56
C PRO A 117 -11.81 0.30 11.45
N LEU A 118 -10.94 -0.62 11.87
CA LEU A 118 -10.03 -1.29 10.97
C LEU A 118 -10.74 -1.90 9.77
N GLN A 119 -11.82 -2.62 10.01
CA GLN A 119 -12.56 -3.34 9.00
C GLN A 119 -13.96 -2.77 8.80
N VAL A 120 -14.37 -2.83 7.53
CA VAL A 120 -15.79 -2.78 7.20
C VAL A 120 -16.36 -4.13 7.60
N PRO A 121 -17.42 -4.17 8.39
CA PRO A 121 -17.87 -5.47 8.88
C PRO A 121 -18.50 -6.29 7.78
N ASP A 122 -18.47 -7.58 8.06
CA ASP A 122 -18.92 -8.52 7.02
C ASP A 122 -20.41 -8.44 6.70
N GLU A 123 -21.26 -7.87 7.56
CA GLU A 123 -22.67 -7.76 7.14
C GLU A 123 -22.86 -6.67 6.10
N VAL A 124 -21.79 -5.91 5.86
CA VAL A 124 -21.90 -4.99 4.73
C VAL A 124 -21.71 -5.79 3.47
N THR A 125 -22.81 -5.93 2.73
CA THR A 125 -22.80 -6.79 1.56
C THR A 125 -23.28 -6.11 0.28
N ASP A 126 -23.55 -4.81 0.39
CA ASP A 126 -23.97 -4.00 -0.72
C ASP A 126 -23.93 -2.52 -0.32
N ASN A 127 -24.23 -1.63 -1.27
CA ASN A 127 -24.13 -0.21 -0.93
C ASN A 127 -25.17 0.31 0.02
N ALA A 128 -26.36 -0.24 0.00
CA ALA A 128 -27.32 0.17 1.01
C ALA A 128 -26.79 -0.11 2.41
N SER A 129 -26.21 -1.29 2.58
CA SER A 129 -25.66 -1.63 3.88
C SER A 129 -24.38 -0.86 4.19
N LEU A 130 -23.61 -0.53 3.18
CA LEU A 130 -22.42 0.29 3.40
C LEU A 130 -22.82 1.67 3.92
N LEU A 131 -23.87 2.26 3.33
CA LEU A 131 -24.41 3.52 3.82
C LEU A 131 -24.92 3.39 5.25
N ARG A 132 -25.65 2.33 5.55
CA ARG A 132 -26.14 2.18 6.92
C ARG A 132 -25.01 2.10 7.92
N PHE A 133 -23.91 1.42 7.56
CA PHE A 133 -22.75 1.35 8.43
C PHE A 133 -22.17 2.72 8.70
N TYR A 134 -21.91 3.51 7.67
CA TYR A 134 -21.30 4.81 7.90
C TYR A 134 -22.26 5.79 8.56
N GLN A 135 -23.55 5.64 8.30
CA GLN A 135 -24.54 6.50 8.93
C GLN A 135 -24.65 6.22 10.42
N ASN A 136 -24.49 4.97 10.81
CA ASN A 136 -24.63 4.54 12.19
C ASN A 136 -23.36 4.80 12.99
N TRP A 137 -22.20 4.96 12.35
CA TRP A 137 -20.92 5.09 13.00
C TRP A 137 -20.89 6.35 13.88
N GLN A 138 -20.47 6.15 15.13
CA GLN A 138 -20.33 7.20 16.12
C GLN A 138 -18.86 7.47 16.36
N PRO A 139 -18.32 8.60 15.95
CA PRO A 139 -16.88 8.85 16.14
C PRO A 139 -16.50 8.88 17.60
N GLN A 140 -15.40 8.23 17.92
CA GLN A 140 -14.85 8.25 19.28
C GLN A 140 -14.07 9.52 19.57
N TRP A 141 -13.55 10.16 18.52
CA TRP A 141 -12.76 11.36 18.60
C TRP A 141 -13.22 12.40 17.59
N LYS A 142 -12.90 13.65 17.81
CA LYS A 142 -13.14 14.65 16.78
C LYS A 142 -12.22 14.43 15.58
N PRO A 143 -12.60 14.97 14.43
CA PRO A 143 -11.76 14.78 13.26
C PRO A 143 -10.42 15.46 13.47
N GLY A 144 -9.42 14.89 12.84
CA GLY A 144 -8.11 15.54 12.82
C GLY A 144 -7.38 15.51 14.14
N THR A 145 -7.70 14.51 14.98
CA THR A 145 -7.06 14.41 16.29
C THR A 145 -6.37 13.09 16.56
N THR A 146 -6.88 12.01 15.98
CA THR A 146 -6.43 10.67 16.28
C THR A 146 -6.31 9.87 14.99
N ARG A 147 -5.15 9.24 14.81
CA ARG A 147 -4.93 8.33 13.72
C ARG A 147 -5.23 6.90 14.17
N LEU A 148 -6.11 6.25 13.43
CA LEU A 148 -6.42 4.84 13.67
C LEU A 148 -6.40 4.15 12.33
N TYR A 149 -5.33 3.41 12.03
CA TYR A 149 -5.22 2.75 10.73
C TYR A 149 -6.46 1.95 10.42
N ALA A 150 -7.01 2.15 9.23
CA ALA A 150 -8.34 1.59 8.95
C ALA A 150 -8.66 1.41 7.47
N ASN A 151 -9.00 0.19 7.09
CA ASN A 151 -9.52 -0.09 5.76
C ASN A 151 -10.84 0.65 5.57
N ALA A 152 -11.66 0.79 6.60
CA ALA A 152 -12.95 1.44 6.43
C ALA A 152 -12.76 2.93 6.15
N SER A 153 -11.58 3.47 6.43
CA SER A 153 -11.32 4.89 6.16
C SER A 153 -10.78 5.08 4.74
N ILE A 154 -9.61 4.55 4.47
CA ILE A 154 -9.03 4.80 3.13
C ILE A 154 -9.81 4.08 2.06
N GLY A 155 -10.50 2.97 2.35
CA GLY A 155 -11.27 2.33 1.32
C GLY A 155 -12.39 3.25 0.85
N LEU A 156 -13.05 3.92 1.79
CA LEU A 156 -14.12 4.84 1.40
C LEU A 156 -13.53 6.01 0.65
N PHE A 157 -12.38 6.54 1.08
CA PHE A 157 -11.73 7.59 0.30
C PHE A 157 -11.52 7.20 -1.15
N GLY A 158 -11.04 5.96 -1.37
CA GLY A 158 -10.77 5.55 -2.74
C GLY A 158 -12.03 5.42 -3.56
N ALA A 159 -13.12 4.93 -2.97
CA ALA A 159 -14.40 4.86 -3.64
C ALA A 159 -14.96 6.23 -3.98
N LEU A 160 -14.84 7.18 -3.07
CA LEU A 160 -15.38 8.52 -3.34
C LEU A 160 -14.50 9.27 -4.30
N ALA A 161 -13.18 9.06 -4.21
CA ALA A 161 -12.18 9.82 -5.00
C ALA A 161 -12.37 9.62 -6.50
N VAL A 162 -12.87 8.45 -6.87
CA VAL A 162 -13.04 8.12 -8.29
C VAL A 162 -14.43 8.48 -8.80
N LYS A 163 -15.34 8.91 -7.93
CA LYS A 163 -16.71 9.14 -8.37
C LYS A 163 -16.77 10.21 -9.46
N PRO A 164 -16.11 11.34 -9.33
CA PRO A 164 -16.22 12.33 -10.43
C PRO A 164 -15.81 11.78 -11.78
N SER A 165 -14.91 10.81 -11.86
CA SER A 165 -14.37 10.28 -13.08
C SER A 165 -15.44 9.46 -13.83
N GLY A 166 -16.44 9.00 -13.08
CA GLY A 166 -17.50 8.17 -13.63
C GLY A 166 -17.08 6.72 -13.71
N MET A 167 -15.84 6.36 -13.35
CA MET A 167 -15.39 4.98 -13.44
C MET A 167 -15.39 4.29 -12.09
N PRO A 168 -15.66 3.00 -11.99
CA PRO A 168 -15.39 2.30 -10.74
C PRO A 168 -13.89 2.29 -10.49
N TYR A 169 -13.54 2.02 -9.21
CA TYR A 169 -12.16 2.04 -8.78
C TYR A 169 -11.28 1.20 -9.67
N GLU A 170 -11.65 -0.04 -9.98
CA GLU A 170 -10.71 -0.90 -10.74
C GLU A 170 -10.36 -0.31 -12.11
N GLN A 171 -11.41 0.17 -12.77
CA GLN A 171 -11.19 0.73 -14.09
C GLN A 171 -10.43 2.05 -13.97
N ALA A 172 -10.76 2.88 -12.99
CA ALA A 172 -10.02 4.15 -12.82
C ALA A 172 -8.54 3.89 -12.58
N MET A 173 -8.27 2.92 -11.72
CA MET A 173 -6.90 2.59 -11.35
C MET A 173 -6.13 2.09 -12.55
N THR A 174 -6.75 1.19 -13.29
CA THR A 174 -6.10 0.61 -14.48
C THR A 174 -5.84 1.69 -15.51
N THR A 175 -6.84 2.54 -15.75
CA THR A 175 -6.73 3.55 -16.81
C THR A 175 -5.76 4.67 -16.48
N ARG A 176 -5.78 5.11 -15.23
CA ARG A 176 -5.04 6.30 -14.86
C ARG A 176 -3.70 6.06 -14.20
N VAL A 177 -3.48 4.86 -13.66
CA VAL A 177 -2.23 4.62 -12.94
C VAL A 177 -1.50 3.47 -13.60
N LEU A 178 -2.15 2.30 -13.71
CA LEU A 178 -1.38 1.13 -14.16
C LEU A 178 -0.97 1.25 -15.62
N LYS A 179 -1.92 1.58 -16.49
CA LYS A 179 -1.52 1.58 -17.92
C LYS A 179 -0.50 2.63 -18.25
N PRO A 180 -0.65 3.86 -17.78
CA PRO A 180 0.41 4.84 -18.10
C PRO A 180 1.81 4.46 -17.64
N LEU A 181 1.84 3.71 -16.54
CA LEU A 181 3.13 3.29 -16.02
C LEU A 181 3.61 1.96 -16.58
N LYS A 182 2.83 1.42 -17.50
CA LYS A 182 3.16 0.14 -18.16
C LYS A 182 3.23 -0.97 -17.14
N LEU A 183 2.36 -0.92 -16.14
CA LEU A 183 2.22 -2.03 -15.20
C LEU A 183 1.13 -2.96 -15.71
N ASP A 184 1.52 -3.77 -16.67
CA ASP A 184 0.62 -4.55 -17.52
C ASP A 184 0.35 -5.94 -16.97
N HIS A 185 0.98 -6.24 -15.84
CA HIS A 185 0.79 -7.50 -15.12
C HIS A 185 0.48 -7.27 -13.64
N THR A 186 -0.34 -6.23 -13.42
CA THR A 186 -0.86 -5.78 -12.14
C THR A 186 -2.38 -5.77 -12.18
N TRP A 187 -3.00 -6.52 -11.29
CA TRP A 187 -4.39 -6.92 -11.40
C TRP A 187 -5.15 -6.78 -10.11
N ILE A 188 -6.43 -6.46 -10.19
CA ILE A 188 -7.32 -6.73 -9.09
C ILE A 188 -7.88 -8.14 -9.24
N ASN A 189 -8.41 -8.36 -10.46
CA ASN A 189 -8.90 -9.65 -10.94
C ASN A 189 -7.89 -10.28 -11.86
N VAL A 190 -7.28 -11.36 -11.45
CA VAL A 190 -6.23 -11.93 -12.32
C VAL A 190 -6.87 -12.56 -13.52
N PRO A 191 -6.57 -12.19 -14.76
CA PRO A 191 -7.25 -12.86 -15.88
C PRO A 191 -6.92 -14.35 -15.96
N LYS A 192 -7.84 -15.04 -16.65
CA LYS A 192 -7.71 -16.47 -16.91
C LYS A 192 -6.35 -16.81 -17.46
N ALA A 193 -5.94 -16.08 -18.50
CA ALA A 193 -4.68 -16.49 -19.11
C ALA A 193 -3.51 -16.23 -18.19
N GLU A 194 -3.67 -15.51 -17.08
CA GLU A 194 -2.54 -15.20 -16.22
C GLU A 194 -2.47 -16.06 -14.96
N GLU A 195 -3.45 -16.94 -14.74
CA GLU A 195 -3.53 -17.72 -13.50
C GLU A 195 -2.34 -18.63 -13.29
N ALA A 196 -1.73 -19.11 -14.37
CA ALA A 196 -0.56 -19.99 -14.18
C ALA A 196 0.52 -19.25 -13.40
N HIS A 197 0.56 -17.92 -13.39
CA HIS A 197 1.56 -17.12 -12.72
C HIS A 197 1.26 -16.84 -11.24
N TYR A 198 0.02 -17.11 -10.86
CA TYR A 198 -0.43 -16.73 -9.51
C TYR A 198 0.11 -17.69 -8.49
N ALA A 199 0.93 -17.21 -7.57
CA ALA A 199 1.42 -18.05 -6.49
C ALA A 199 0.27 -18.48 -5.59
N TRP A 200 0.51 -19.55 -4.85
CA TRP A 200 -0.34 -19.86 -3.71
C TRP A 200 0.27 -19.18 -2.48
N GLY A 201 -0.61 -18.70 -1.59
CA GLY A 201 -0.25 -18.26 -0.27
C GLY A 201 -0.19 -19.47 0.66
N TYR A 202 0.54 -19.32 1.78
CA TYR A 202 0.61 -20.41 2.75
C TYR A 202 0.39 -19.88 4.16
N ARG A 203 -0.47 -20.59 4.87
CA ARG A 203 -0.81 -20.22 6.24
C ARG A 203 -0.90 -21.50 7.06
N ASP A 204 -0.03 -21.66 8.03
CA ASP A 204 0.04 -22.85 8.88
C ASP A 204 0.05 -24.12 8.04
N GLY A 205 0.80 -24.06 6.92
CA GLY A 205 0.99 -25.19 6.04
C GLY A 205 -0.07 -25.43 5.00
N LYS A 206 -1.14 -24.65 4.98
CA LYS A 206 -2.23 -24.76 4.05
C LYS A 206 -2.10 -23.73 2.94
N ALA A 207 -2.33 -24.15 1.72
CA ALA A 207 -2.30 -23.26 0.55
C ALA A 207 -3.59 -22.45 0.55
N VAL A 208 -3.45 -21.13 0.48
CA VAL A 208 -4.60 -20.24 0.50
C VAL A 208 -4.44 -19.05 -0.46
N ARG A 209 -5.59 -18.52 -0.90
CA ARG A 209 -5.62 -17.32 -1.71
C ARG A 209 -6.75 -16.40 -1.22
N ALA A 210 -6.59 -15.13 -1.53
CA ALA A 210 -7.59 -14.14 -1.18
C ALA A 210 -8.91 -14.48 -1.84
N VAL A 211 -9.96 -14.21 -1.10
CA VAL A 211 -11.32 -14.36 -1.59
C VAL A 211 -11.81 -12.99 -2.03
N ARG A 212 -12.77 -12.95 -2.94
CA ARG A 212 -13.46 -11.70 -3.29
C ARG A 212 -14.50 -11.45 -2.21
N VAL A 213 -14.87 -10.19 -2.03
CA VAL A 213 -15.82 -9.88 -0.99
C VAL A 213 -17.14 -9.52 -1.67
N SER A 214 -18.09 -8.94 -0.92
CA SER A 214 -19.40 -8.72 -1.53
C SER A 214 -19.35 -7.56 -2.53
N PRO A 215 -20.03 -7.63 -3.65
CA PRO A 215 -20.02 -6.57 -4.66
C PRO A 215 -20.44 -5.22 -4.06
N GLY A 216 -19.70 -4.18 -4.37
CA GLY A 216 -19.98 -2.82 -3.85
C GLY A 216 -18.75 -1.95 -3.98
N MET A 217 -18.72 -0.74 -3.50
CA MET A 217 -17.91 0.33 -3.99
C MET A 217 -16.48 0.28 -3.67
N LEU A 218 -16.36 -0.67 -2.65
N LEU A 218 -16.11 -0.77 -1.91
CA LEU A 218 -15.11 -1.03 -2.03
CA LEU A 218 -14.90 -0.63 -1.12
C LEU A 218 -14.62 -2.39 -2.49
C LEU A 218 -13.94 -1.73 -0.70
N ASP A 219 -15.33 -3.09 -3.33
N ASP A 219 -13.44 -2.70 -1.44
CA ASP A 219 -14.96 -4.50 -3.52
CA ASP A 219 -12.46 -3.65 -0.89
C ASP A 219 -13.58 -4.66 -4.11
C ASP A 219 -11.18 -3.72 -1.72
N ALA A 220 -13.19 -3.78 -5.01
N ALA A 220 -11.28 -3.58 -3.04
CA ALA A 220 -11.87 -3.93 -5.65
CA ALA A 220 -10.15 -3.49 -3.93
C ALA A 220 -10.75 -3.57 -4.68
C ALA A 220 -9.12 -2.42 -3.51
N GLN A 221 -10.93 -2.50 -3.91
N GLN A 221 -9.60 -1.28 -3.13
CA GLN A 221 -9.97 -2.11 -2.87
CA GLN A 221 -9.25 -0.04 -2.52
C GLN A 221 -9.79 -3.28 -1.90
C GLN A 221 -8.35 -0.17 -1.29
N ALA A 222 -10.85 -4.03 -1.64
N ALA A 222 -8.48 -1.31 -0.61
CA ALA A 222 -10.80 -5.06 -0.62
CA ALA A 222 -7.86 -1.47 0.69
C ALA A 222 -10.14 -6.33 -1.15
C ALA A 222 -6.83 -2.58 0.74
N TYR A 223 -10.38 -6.63 -2.43
N TYR A 223 -7.02 -3.61 -0.09
CA TYR A 223 -9.82 -7.84 -3.05
CA TYR A 223 -6.05 -4.70 0.02
C TYR A 223 -8.34 -7.65 -3.28
C TYR A 223 -6.12 -5.73 -1.09
N GLY A 224 -7.95 -6.39 -3.45
N GLY A 224 -6.63 -5.38 -2.28
CA GLY A 224 -6.58 -6.06 -3.44
CA GLY A 224 -6.77 -6.31 -3.38
C GLY A 224 -5.88 -6.42 -4.72
C GLY A 224 -5.92 -6.32 -4.61
N VAL A 225 -4.74 -5.74 -4.74
CA VAL A 225 -3.89 -5.81 -5.91
C VAL A 225 -3.01 -7.04 -5.87
N LYS A 226 -2.89 -7.70 -7.02
CA LYS A 226 -1.91 -8.75 -7.25
C LYS A 226 -0.93 -8.33 -8.34
N THR A 227 0.34 -8.64 -8.16
CA THR A 227 1.31 -8.16 -9.15
C THR A 227 2.57 -9.02 -9.05
N ASN A 228 3.46 -8.84 -10.02
CA ASN A 228 4.75 -9.51 -9.96
C ASN A 228 5.85 -8.54 -9.57
N VAL A 229 7.05 -9.08 -9.42
CA VAL A 229 8.13 -8.27 -8.85
C VAL A 229 8.65 -7.23 -9.81
N GLN A 230 8.45 -7.45 -11.10
CA GLN A 230 8.89 -6.50 -12.12
C GLN A 230 8.00 -5.25 -12.08
N ASP A 231 6.69 -5.46 -12.12
CA ASP A 231 5.76 -4.35 -12.03
C ASP A 231 5.96 -3.66 -10.69
N MET A 232 6.17 -4.41 -9.60
CA MET A 232 6.35 -3.68 -8.34
C MET A 232 7.64 -2.87 -8.35
N ALA A 233 8.68 -3.38 -8.96
CA ALA A 233 9.94 -2.65 -9.10
C ALA A 233 9.68 -1.34 -9.84
N ASN A 234 8.92 -1.44 -10.93
CA ASN A 234 8.67 -0.21 -11.70
C ASN A 234 7.71 0.71 -10.97
N TRP A 235 6.82 0.19 -10.14
CA TRP A 235 6.01 1.02 -9.25
C TRP A 235 6.90 1.78 -8.28
N VAL A 236 7.85 1.07 -7.66
CA VAL A 236 8.77 1.73 -6.74
C VAL A 236 9.59 2.79 -7.47
N MET A 237 10.05 2.50 -8.69
CA MET A 237 10.84 3.52 -9.41
C MET A 237 10.01 4.74 -9.74
N ALA A 238 8.76 4.56 -10.12
CA ALA A 238 7.89 5.72 -10.43
C ALA A 238 7.70 6.61 -9.21
N ASN A 239 7.51 5.96 -8.05
CA ASN A 239 7.27 6.72 -6.83
C ASN A 239 8.55 7.35 -6.30
N MET A 240 9.70 6.71 -6.52
CA MET A 240 10.98 7.21 -6.10
C MET A 240 11.42 8.39 -6.95
N ALA A 241 11.06 8.36 -8.24
CA ALA A 241 11.54 9.38 -9.19
C ALA A 241 10.44 9.81 -10.14
N PRO A 242 9.46 10.51 -9.57
CA PRO A 242 8.31 10.92 -10.37
C PRO A 242 8.69 11.93 -11.44
N GLU A 243 9.86 12.52 -11.36
CA GLU A 243 10.34 13.44 -12.39
C GLU A 243 10.39 12.72 -13.73
N ASN A 244 10.47 11.37 -13.75
CA ASN A 244 10.47 10.67 -15.03
C ASN A 244 9.10 10.22 -15.49
N VAL A 245 8.04 10.55 -14.74
CA VAL A 245 6.68 10.20 -15.14
C VAL A 245 6.19 11.36 -16.00
N ALA A 246 5.77 11.08 -17.22
CA ALA A 246 5.42 12.10 -18.19
C ALA A 246 4.07 12.74 -17.99
N ASP A 247 3.08 11.93 -17.61
CA ASP A 247 1.71 12.45 -17.46
C ASP A 247 1.67 13.39 -16.27
N ALA A 248 1.22 14.61 -16.51
CA ALA A 248 1.36 15.67 -15.53
C ALA A 248 0.49 15.46 -14.31
N SER A 249 -0.71 14.94 -14.43
CA SER A 249 -1.52 14.75 -13.24
C SER A 249 -1.05 13.57 -12.42
N LEU A 250 -0.57 12.53 -13.07
CA LEU A 250 -0.05 11.36 -12.36
C LEU A 250 1.25 11.70 -11.64
N LYS A 251 2.13 12.46 -12.27
CA LYS A 251 3.33 12.90 -11.57
C LYS A 251 2.99 13.68 -10.32
N GLN A 252 2.00 14.59 -10.42
CA GLN A 252 1.56 15.33 -9.24
C GLN A 252 0.91 14.44 -8.21
N GLY A 253 0.16 13.44 -8.65
CA GLY A 253 -0.50 12.54 -7.69
C GLY A 253 0.49 11.72 -6.92
N ILE A 254 1.56 11.28 -7.55
CA ILE A 254 2.64 10.58 -6.85
C ILE A 254 3.21 11.48 -5.76
N ALA A 255 3.47 12.76 -6.12
CA ALA A 255 3.93 13.70 -5.09
C ALA A 255 2.92 13.91 -3.97
N LEU A 256 1.64 14.04 -4.30
CA LEU A 256 0.64 14.22 -3.23
C LEU A 256 0.63 13.04 -2.30
N ALA A 257 0.88 11.83 -2.79
CA ALA A 257 0.81 10.62 -1.95
C ALA A 257 1.99 10.53 -0.99
N GLN A 258 3.13 11.13 -1.32
CA GLN A 258 4.29 11.20 -0.46
C GLN A 258 4.44 12.51 0.29
N SER A 259 3.38 13.31 0.21
CA SER A 259 3.38 14.52 1.05
C SER A 259 3.03 14.14 2.50
N ARG A 260 3.47 14.96 3.42
CA ARG A 260 3.23 14.72 4.84
C ARG A 260 2.01 15.51 5.28
N TYR A 261 0.99 14.80 5.74
CA TYR A 261 -0.27 15.39 6.18
C TYR A 261 -0.39 15.49 7.70
N TRP A 262 0.23 14.53 8.36
CA TRP A 262 0.16 14.42 9.82
C TRP A 262 1.49 13.87 10.30
N ARG A 263 1.88 14.33 11.48
CA ARG A 263 2.96 13.68 12.22
C ARG A 263 2.42 12.87 13.39
N ILE A 264 2.92 11.66 13.55
CA ILE A 264 2.53 10.73 14.62
C ILE A 264 3.82 10.13 15.15
N GLY A 265 4.29 10.74 16.24
CA GLY A 265 5.60 10.38 16.75
C GLY A 265 6.71 10.55 15.72
N SER A 266 7.43 9.47 15.38
CA SER A 266 8.55 9.53 14.47
C SER A 266 8.12 9.34 13.02
N MET A 267 6.83 9.16 12.74
CA MET A 267 6.38 8.93 11.37
C MET A 267 5.44 10.04 10.92
N TYR A 268 5.27 10.03 9.61
CA TYR A 268 4.37 10.92 8.92
C TYR A 268 3.44 10.12 7.98
N GLN A 269 2.20 10.57 7.98
CA GLN A 269 1.22 9.90 7.13
C GLN A 269 1.05 10.59 5.79
N GLY A 270 1.26 9.85 4.70
CA GLY A 270 0.92 10.26 3.36
C GLY A 270 -0.41 9.68 2.88
N LEU A 271 -0.61 9.61 1.58
CA LEU A 271 -1.81 8.93 1.06
C LEU A 271 -1.37 7.52 0.76
N GLY A 272 -1.67 6.60 1.67
CA GLY A 272 -1.25 5.22 1.54
C GLY A 272 0.18 5.06 2.02
N TRP A 273 1.14 5.73 1.40
CA TRP A 273 2.52 5.72 1.85
C TRP A 273 2.66 6.29 3.25
N GLU A 274 3.64 5.80 3.99
CA GLU A 274 4.07 6.32 5.26
C GLU A 274 5.56 6.68 5.19
N MET A 275 5.99 7.67 5.96
CA MET A 275 7.35 8.19 5.85
C MET A 275 7.96 8.43 7.22
N LEU A 276 9.27 8.28 7.28
CA LEU A 276 10.10 8.73 8.37
C LEU A 276 11.20 9.58 7.75
N ASN A 277 11.71 10.56 8.52
CA ASN A 277 12.86 11.29 7.99
C ASN A 277 14.07 10.41 7.92
N TRP A 278 14.87 10.56 6.89
CA TRP A 278 16.13 9.88 6.73
C TRP A 278 17.26 10.81 7.06
N PRO A 279 18.31 10.44 7.76
CA PRO A 279 18.56 9.11 8.31
C PRO A 279 17.64 8.69 9.46
N VAL A 280 17.33 7.39 9.53
CA VAL A 280 16.57 6.80 10.63
C VAL A 280 17.27 5.51 10.97
N GLU A 281 17.38 5.24 12.24
CA GLU A 281 17.93 3.93 12.68
C GLU A 281 16.92 2.81 12.53
N ALA A 282 17.41 1.60 12.39
CA ALA A 282 16.55 0.45 12.22
C ALA A 282 15.55 0.33 13.36
N ASN A 283 15.98 0.51 14.62
CA ASN A 283 15.05 0.17 15.69
C ASN A 283 13.83 1.06 15.69
N THR A 284 14.03 2.30 15.26
CA THR A 284 12.88 3.19 15.11
C THR A 284 11.81 2.64 14.19
N VAL A 285 12.27 2.21 13.01
CA VAL A 285 11.37 1.70 12.00
C VAL A 285 10.78 0.36 12.43
N VAL A 286 11.66 -0.50 12.96
CA VAL A 286 11.22 -1.87 13.34
C VAL A 286 10.20 -1.78 14.46
N GLU A 287 10.48 -0.97 15.47
CA GLU A 287 9.58 -0.91 16.62
C GLU A 287 8.24 -0.31 16.20
N GLY A 288 8.21 0.60 15.23
CA GLY A 288 6.96 1.18 14.78
C GLY A 288 6.08 0.22 14.01
N SER A 289 6.70 -0.88 13.56
CA SER A 289 6.01 -1.85 12.73
C SER A 289 5.28 -2.89 13.55
N ASP A 290 5.57 -2.97 14.84
CA ASP A 290 4.87 -3.88 15.74
C ASP A 290 3.38 -3.59 15.75
N SER A 291 2.54 -4.61 15.67
CA SER A 291 1.10 -4.41 15.61
C SER A 291 0.53 -3.66 16.81
N LYS A 292 1.12 -3.76 17.99
CA LYS A 292 0.66 -3.05 19.18
C LYS A 292 0.77 -1.54 18.95
N VAL A 293 1.72 -1.08 18.15
CA VAL A 293 1.83 0.31 17.80
C VAL A 293 1.09 0.61 16.51
N ALA A 294 1.28 -0.23 15.49
CA ALA A 294 0.74 0.12 14.18
C ALA A 294 -0.79 0.15 14.18
N LEU A 295 -1.44 -0.61 15.03
CA LEU A 295 -2.90 -0.67 15.09
C LEU A 295 -3.48 0.27 16.15
N ALA A 296 -2.64 0.97 16.91
CA ALA A 296 -3.16 1.77 17.99
C ALA A 296 -3.73 3.12 17.56
N PRO A 297 -4.74 3.61 18.27
CA PRO A 297 -5.24 4.98 18.01
C PRO A 297 -4.24 5.94 18.64
N LEU A 298 -3.58 6.82 17.90
CA LEU A 298 -2.52 7.70 18.36
C LEU A 298 -2.79 9.16 17.98
N PRO A 299 -2.37 10.08 18.86
CA PRO A 299 -2.60 11.49 18.56
C PRO A 299 -1.78 11.94 17.38
N VAL A 300 -2.35 12.89 16.61
CA VAL A 300 -1.66 13.47 15.46
C VAL A 300 -1.36 14.96 15.67
N ALA A 301 -0.32 15.41 14.97
CA ALA A 301 -0.03 16.81 14.76
C ALA A 301 -0.25 17.07 13.27
N GLU A 302 -1.13 18.02 13.00
CA GLU A 302 -1.44 18.42 11.63
C GLU A 302 -0.27 19.09 10.94
N VAL A 303 -0.01 18.76 9.67
CA VAL A 303 0.96 19.46 8.84
C VAL A 303 0.11 20.29 7.87
N ASN A 304 0.02 21.56 8.23
CA ASN A 304 -0.83 22.50 7.49
C ASN A 304 -0.03 23.70 7.02
N PRO A 305 0.12 23.99 5.73
CA PRO A 305 -0.32 23.10 4.65
C PRO A 305 0.50 21.81 4.57
N PRO A 306 0.02 20.78 3.88
CA PRO A 306 0.82 19.53 3.81
C PRO A 306 2.20 19.83 3.25
N ALA A 307 3.17 19.09 3.76
CA ALA A 307 4.54 19.22 3.32
C ALA A 307 4.77 18.43 2.05
N PRO A 308 5.22 19.05 0.97
CA PRO A 308 5.51 18.25 -0.22
C PRO A 308 6.61 17.23 0.06
N PRO A 309 6.76 16.29 -0.86
CA PRO A 309 7.70 15.19 -0.56
C PRO A 309 9.10 15.66 -0.19
N VAL A 310 9.61 15.01 0.84
CA VAL A 310 10.93 15.26 1.40
C VAL A 310 11.87 14.18 0.86
N LYS A 311 12.89 14.59 0.08
CA LYS A 311 13.69 13.53 -0.51
C LYS A 311 14.41 12.68 0.53
N ALA A 312 14.87 13.29 1.60
CA ALA A 312 15.49 12.57 2.71
C ALA A 312 14.41 11.95 3.62
N SER A 313 13.78 10.90 3.06
CA SER A 313 12.73 10.14 3.71
C SER A 313 12.99 8.62 3.51
N TRP A 314 12.66 7.85 4.50
CA TRP A 314 12.37 6.43 4.36
C TRP A 314 10.87 6.33 4.03
N VAL A 315 10.47 5.97 2.82
CA VAL A 315 9.07 5.84 2.43
C VAL A 315 8.75 4.36 2.36
N HIS A 316 7.63 3.92 2.96
CA HIS A 316 7.41 2.50 3.02
C HIS A 316 5.95 2.15 3.20
N LYS A 317 5.68 0.88 3.00
CA LYS A 317 4.41 0.27 3.34
C LYS A 317 4.51 -1.25 3.42
N THR A 318 3.91 -1.79 4.46
CA THR A 318 3.75 -3.23 4.59
C THR A 318 2.35 -3.63 4.11
N GLY A 319 2.23 -4.89 3.67
CA GLY A 319 0.92 -5.41 3.34
C GLY A 319 0.89 -6.91 3.48
N SER A 320 -0.25 -7.40 3.96
CA SER A 320 -0.45 -8.81 4.14
C SER A 320 -1.85 -9.24 3.73
N THR A 321 -1.96 -10.50 3.37
CA THR A 321 -3.23 -11.20 3.28
C THR A 321 -3.11 -12.49 4.09
N GLY A 322 -4.10 -13.39 4.01
CA GLY A 322 -3.97 -14.58 4.83
C GLY A 322 -2.75 -15.38 4.47
N GLY A 323 -2.39 -15.40 3.19
CA GLY A 323 -1.29 -16.19 2.77
C GLY A 323 -0.03 -15.50 2.27
N PHE A 324 -0.02 -14.16 2.27
CA PHE A 324 1.08 -13.39 1.71
C PHE A 324 1.54 -12.30 2.66
N GLY A 325 2.83 -12.00 2.54
CA GLY A 325 3.42 -10.90 3.29
C GLY A 325 4.41 -10.16 2.42
N SER A 326 4.21 -8.88 2.26
CA SER A 326 5.00 -8.06 1.35
C SER A 326 5.46 -6.77 2.03
N TYR A 327 6.55 -6.18 1.52
CA TYR A 327 7.04 -4.93 2.07
C TYR A 327 7.76 -4.16 0.95
N VAL A 328 7.60 -2.85 0.99
CA VAL A 328 8.29 -1.97 0.07
C VAL A 328 8.85 -0.78 0.85
N ALA A 329 10.07 -0.35 0.56
CA ALA A 329 10.73 0.78 1.17
C ALA A 329 11.67 1.44 0.15
N PHE A 330 11.73 2.77 0.20
CA PHE A 330 12.69 3.47 -0.68
C PHE A 330 13.09 4.79 -0.03
N ILE A 331 14.23 5.27 -0.48
CA ILE A 331 14.87 6.49 0.03
C ILE A 331 15.16 7.39 -1.17
N PRO A 332 14.31 8.33 -1.51
CA PRO A 332 14.52 9.14 -2.71
C PRO A 332 15.86 9.85 -2.75
N GLU A 333 16.35 10.38 -1.63
CA GLU A 333 17.62 11.08 -1.65
C GLU A 333 18.74 10.19 -2.19
N LYS A 334 18.65 8.90 -1.89
CA LYS A 334 19.73 7.97 -2.28
C LYS A 334 19.46 7.17 -3.56
N GLN A 335 18.25 7.30 -4.06
CA GLN A 335 17.76 6.58 -5.22
C GLN A 335 18.01 5.07 -5.06
N ILE A 336 17.63 4.60 -3.85
CA ILE A 336 17.60 3.15 -3.61
C ILE A 336 16.25 2.75 -3.04
N GLY A 337 15.90 1.48 -3.29
CA GLY A 337 14.63 0.96 -2.82
C GLY A 337 14.62 -0.55 -2.90
N ILE A 338 13.60 -1.12 -2.25
CA ILE A 338 13.47 -2.57 -2.22
C ILE A 338 12.02 -2.99 -2.21
N VAL A 339 11.75 -4.08 -2.89
CA VAL A 339 10.48 -4.81 -2.85
C VAL A 339 10.73 -6.23 -2.40
N MET A 340 9.98 -6.68 -1.39
CA MET A 340 10.07 -8.06 -0.95
C MET A 340 8.66 -8.66 -0.95
N LEU A 341 8.41 -9.57 -1.88
CA LEU A 341 7.11 -10.24 -1.98
C LEU A 341 7.26 -11.69 -1.51
N ALA A 342 6.38 -12.14 -0.61
CA ALA A 342 6.47 -13.48 -0.08
C ALA A 342 5.10 -14.13 0.00
N ASN A 343 5.09 -15.45 -0.12
CA ASN A 343 3.84 -16.20 -0.03
C ASN A 343 3.70 -16.90 1.33
N THR A 344 4.07 -16.15 2.37
CA THR A 344 3.56 -16.37 3.72
C THR A 344 3.56 -15.01 4.43
N SER A 345 2.59 -14.81 5.31
CA SER A 345 2.49 -13.61 6.13
C SER A 345 3.33 -13.75 7.40
N TYR A 346 4.60 -13.35 7.33
CA TYR A 346 5.51 -13.42 8.47
C TYR A 346 5.61 -12.05 9.14
N PRO A 347 6.09 -11.93 10.38
CA PRO A 347 5.98 -10.68 11.12
C PRO A 347 6.57 -9.48 10.43
N ASN A 348 5.79 -8.39 10.49
CA ASN A 348 6.22 -7.15 9.88
C ASN A 348 7.57 -6.67 10.39
N PRO A 349 7.88 -6.72 11.67
CA PRO A 349 9.23 -6.31 12.09
C PRO A 349 10.35 -7.05 11.38
N ALA A 350 10.13 -8.32 11.05
CA ALA A 350 11.16 -9.09 10.38
C ALA A 350 11.36 -8.61 8.94
N ARG A 351 10.24 -8.20 8.36
CA ARG A 351 10.30 -7.60 7.01
C ARG A 351 11.14 -6.33 6.98
N VAL A 352 10.85 -5.46 7.94
CA VAL A 352 11.54 -4.18 8.02
C VAL A 352 13.02 -4.41 8.31
N GLU A 353 13.37 -5.25 9.28
CA GLU A 353 14.75 -5.53 9.60
C GLU A 353 15.51 -5.98 8.36
N ALA A 354 14.96 -6.89 7.59
CA ALA A 354 15.67 -7.41 6.42
C ALA A 354 15.84 -6.36 5.34
N ALA A 355 14.76 -5.63 5.05
CA ALA A 355 14.83 -4.54 4.09
C ALA A 355 15.85 -3.47 4.48
N TYR A 356 15.86 -3.09 5.75
CA TYR A 356 16.77 -2.08 6.27
C TYR A 356 18.20 -2.56 6.08
N HIS A 357 18.46 -3.82 6.46
CA HIS A 357 19.80 -4.33 6.35
C HIS A 357 20.30 -4.28 4.92
N ILE A 358 19.43 -4.66 3.97
CA ILE A 358 19.83 -4.61 2.56
C ILE A 358 20.06 -3.18 2.11
N LEU A 359 19.15 -2.26 2.40
CA LEU A 359 19.39 -0.88 1.95
C LEU A 359 20.56 -0.26 2.66
N GLU A 360 20.82 -0.63 3.91
CA GLU A 360 21.95 -0.02 4.61
C GLU A 360 23.26 -0.36 3.91
N ALA A 361 23.29 -1.53 3.30
CA ALA A 361 24.50 -1.97 2.59
C ALA A 361 24.84 -1.09 1.37
N LEU A 362 23.80 -0.47 0.80
CA LEU A 362 23.97 0.34 -0.37
C LEU A 362 24.23 1.80 -0.10
N GLN A 363 24.29 2.19 1.17
CA GLN A 363 24.51 3.63 1.26
C GLN A 363 26.01 3.75 1.48
P8 PTX B . -2.97 -4.52 5.36
O81 PTX B . -2.01 -5.52 4.72
O82 PTX B . -2.55 -3.86 6.66
C7 PTX B . -4.53 -5.42 5.70
N10 PTX B . -4.78 -6.41 4.63
C11 PTX B . -6.01 -6.34 4.05
O12 PTX B . -6.80 -5.52 4.45
C13 PTX B . -6.22 -7.36 2.99
N16 PTX B . -6.23 -7.15 1.64
O17 PTX B . -5.98 -5.77 1.23
C18 PTX B . -6.04 -5.81 -0.20
C14 PTX B . -6.46 -8.77 3.42
C15 PTX B . -6.34 -9.16 4.82
S16 PTX B . -6.66 -10.78 5.09
C17 PTX B . -6.92 -11.03 3.43
N18 PTX B . -7.31 -12.30 2.94
N19 PTX B . -6.81 -9.90 2.74
C1 GOL C . 5.78 6.00 -18.01
O1 GOL C . 6.28 5.89 -16.64
C2 GOL C . 5.11 7.36 -18.28
O2 GOL C . 6.02 8.47 -18.21
C3 GOL C . 3.76 7.65 -17.56
O3 GOL C . 3.26 9.01 -17.81
C1 GOL D . 5.52 -0.38 9.28
O1 GOL D . 5.56 -0.01 10.68
C2 GOL D . 4.32 0.42 8.73
O2 GOL D . 3.08 -0.07 9.27
C3 GOL D . 4.35 0.80 7.23
O3 GOL D . 3.30 0.08 6.54
#